data_9HSJ
#
_entry.id   9HSJ
#
_cell.length_a   50.392
_cell.length_b   69.051
_cell.length_c   118.892
_cell.angle_alpha   90.000
_cell.angle_beta   90.000
_cell.angle_gamma   90.000
#
_symmetry.space_group_name_H-M   'I 2 2 2'
#
loop_
_entity.id
_entity.type
_entity.pdbx_description
1 polymer 'choline-phosphate cytidylyltransferase'
2 non-polymer (3~{R})-piperidin-3-ol
3 water water
#
_entity_poly.entity_id   1
_entity_poly.type   'polypeptide(L)'
_entity_poly.pdbx_seq_one_letter_code
;GHMAVPDDDDDDDNSNDESEYESSQMDSEKNKGSIKNSKNVVIYADGVYDMLHLGHMKQLEQAKKLFENTTLIVGVTSDN
ETKLFKGQVVQTLEERTETLKHIRWVDEIISPCPWVVTPEFLEKYKIDYVAHDDIPYANNQKEDIYAWLKRAGKFKATQR
TEGVSTTDLIVRILKNYED
;
_entity_poly.pdbx_strand_id   A
#
# COMPACT_ATOMS: atom_id res chain seq x y z
N LYS A 39 4.32 21.72 -9.67
CA LYS A 39 3.36 21.64 -8.58
C LYS A 39 2.94 20.20 -8.31
N ASN A 40 3.11 19.31 -9.28
CA ASN A 40 2.73 17.92 -9.07
C ASN A 40 3.78 17.20 -8.23
N VAL A 41 3.30 16.47 -7.22
CA VAL A 41 4.12 15.81 -6.21
C VAL A 41 3.94 14.30 -6.39
N VAL A 42 5.06 13.56 -6.44
CA VAL A 42 5.02 12.11 -6.60
C VAL A 42 5.06 11.47 -5.21
N ILE A 43 4.05 10.64 -4.92
CA ILE A 43 3.90 9.93 -3.65
C ILE A 43 4.10 8.45 -3.91
N TYR A 44 4.86 7.78 -3.05
CA TYR A 44 5.04 6.35 -3.16
C TYR A 44 4.47 5.66 -1.93
N ALA A 45 3.66 4.62 -2.16
CA ALA A 45 3.13 3.80 -1.07
C ALA A 45 3.35 2.35 -1.46
N ASP A 46 4.01 1.59 -0.61
CA ASP A 46 4.18 0.17 -0.90
C ASP A 46 3.41 -0.68 0.11
N GLY A 47 3.26 -1.95 -0.21
CA GLY A 47 2.48 -2.81 0.64
C GLY A 47 2.29 -4.15 -0.01
N VAL A 48 1.74 -5.08 0.77
CA VAL A 48 1.35 -6.38 0.23
C VAL A 48 0.02 -6.28 -0.52
N TYR A 49 -0.94 -5.54 0.05
CA TYR A 49 -2.26 -5.38 -0.57
C TYR A 49 -2.92 -6.73 -0.83
N ASP A 50 -2.79 -7.65 0.13
CA ASP A 50 -3.46 -8.94 0.07
C ASP A 50 -4.93 -8.76 0.46
N MET A 51 -5.83 -9.35 -0.32
CA MET A 51 -7.25 -9.39 0.01
C MET A 51 -7.76 -7.97 0.31
N LEU A 52 -7.57 -7.10 -0.68
CA LEU A 52 -7.80 -5.68 -0.52
C LEU A 52 -9.21 -5.40 -0.03
N HIS A 53 -9.34 -4.46 0.91
CA HIS A 53 -10.65 -4.08 1.43
C HIS A 53 -10.70 -2.57 1.64
N LEU A 54 -11.83 -2.10 2.20
CA LEU A 54 -12.05 -0.66 2.34
C LEU A 54 -10.95 0.01 3.12
N GLY A 55 -10.40 -0.68 4.12
CA GLY A 55 -9.30 -0.12 4.89
C GLY A 55 -8.14 0.27 3.99
N HIS A 56 -7.73 -0.63 3.09
CA HIS A 56 -6.65 -0.31 2.16
C HIS A 56 -7.04 0.84 1.25
N MET A 57 -8.27 0.81 0.73
CA MET A 57 -8.72 1.83 -0.21
C MET A 57 -8.64 3.21 0.42
N LYS A 58 -9.08 3.32 1.66
CA LYS A 58 -9.05 4.61 2.36
C LYS A 58 -7.62 5.08 2.58
N GLN A 59 -6.71 4.14 2.85
CA GLN A 59 -5.32 4.52 3.04
C GLN A 59 -4.70 4.99 1.72
N LEU A 60 -5.05 4.34 0.60
CA LEU A 60 -4.62 4.84 -0.69
C LEU A 60 -5.20 6.23 -0.95
N GLU A 61 -6.48 6.43 -0.64
CA GLU A 61 -7.07 7.75 -0.80
C GLU A 61 -6.30 8.80 -0.02
N GLN A 62 -5.95 8.48 1.23
CA GLN A 62 -5.23 9.45 2.06
C GLN A 62 -3.88 9.79 1.45
N ALA A 63 -3.16 8.75 1.01
CA ALA A 63 -1.87 8.98 0.35
C ALA A 63 -2.04 9.83 -0.89
N LYS A 64 -3.04 9.54 -1.72
CA LYS A 64 -3.27 10.30 -2.93
C LYS A 64 -3.58 11.76 -2.64
N LYS A 65 -4.21 12.06 -1.49
CA LYS A 65 -4.67 13.42 -1.19
C LYS A 65 -3.74 14.18 -0.25
N LEU A 66 -2.51 13.70 -0.05
CA LEU A 66 -1.56 14.39 0.84
C LEU A 66 -1.26 15.80 0.35
N PHE A 67 -1.37 16.03 -0.96
CA PHE A 67 -1.19 17.34 -1.58
C PHE A 67 -2.22 17.50 -2.68
N GLU A 68 -2.38 18.74 -3.14
CA GLU A 68 -3.47 19.07 -4.07
C GLU A 68 -3.30 18.34 -5.40
N ASN A 69 -2.08 18.28 -5.91
CA ASN A 69 -1.78 17.63 -7.18
C ASN A 69 -0.70 16.58 -6.95
N THR A 70 -1.06 15.31 -7.15
CA THR A 70 -0.14 14.22 -6.87
C THR A 70 -0.18 13.21 -8.00
N THR A 71 0.91 12.45 -8.11
CA THR A 71 0.92 11.13 -8.73
C THR A 71 1.16 10.12 -7.61
N LEU A 72 0.20 9.20 -7.42
CA LEU A 72 0.34 8.14 -6.42
C LEU A 72 0.87 6.89 -7.12
N ILE A 73 2.12 6.54 -6.82
CA ILE A 73 2.75 5.30 -7.27
C ILE A 73 2.62 4.29 -6.15
N VAL A 74 2.05 3.11 -6.46
CA VAL A 74 1.85 2.04 -5.48
C VAL A 74 2.81 0.90 -5.80
N GLY A 75 3.57 0.47 -4.80
CA GLY A 75 4.45 -0.69 -4.96
C GLY A 75 3.78 -1.91 -4.34
N VAL A 76 3.83 -3.03 -5.08
CA VAL A 76 3.18 -4.28 -4.68
C VAL A 76 4.26 -5.33 -4.48
N THR A 77 4.32 -5.91 -3.27
CA THR A 77 5.46 -6.76 -2.93
C THR A 77 5.38 -8.11 -3.63
N SER A 78 6.53 -8.73 -3.85
CA SER A 78 6.57 -10.00 -4.54
C SER A 78 6.02 -11.11 -3.64
N ASP A 79 5.57 -12.20 -4.28
CA ASP A 79 5.09 -13.35 -3.53
C ASP A 79 6.19 -13.91 -2.64
N ASN A 80 7.36 -14.16 -3.22
CA ASN A 80 8.41 -14.84 -2.48
C ASN A 80 8.89 -14.00 -1.30
N GLU A 81 9.04 -12.69 -1.50
CA GLU A 81 9.52 -11.87 -0.39
C GLU A 81 8.45 -11.71 0.68
N THR A 82 7.18 -11.58 0.27
CA THR A 82 6.12 -11.53 1.28
C THR A 82 6.07 -12.80 2.11
N LYS A 83 6.17 -13.97 1.45
CA LYS A 83 6.20 -15.23 2.19
C LYS A 83 7.37 -15.28 3.16
N LEU A 84 8.56 -14.86 2.68
CA LEU A 84 9.76 -15.00 3.51
C LEU A 84 9.71 -14.08 4.71
N PHE A 85 9.25 -12.84 4.51
CA PHE A 85 9.34 -11.80 5.53
C PHE A 85 8.09 -11.63 6.36
N LYS A 86 6.90 -11.88 5.80
CA LYS A 86 5.70 -11.86 6.60
C LYS A 86 5.20 -13.26 6.97
N GLY A 87 5.60 -14.29 6.22
CA GLY A 87 5.29 -15.66 6.54
C GLY A 87 4.23 -16.29 5.66
N GLN A 88 3.48 -15.49 4.89
CA GLN A 88 2.39 -16.03 4.11
C GLN A 88 1.86 -14.95 3.18
N VAL A 89 1.09 -15.38 2.19
CA VAL A 89 0.33 -14.48 1.34
C VAL A 89 -0.76 -15.30 0.66
N VAL A 90 -1.96 -14.72 0.55
CA VAL A 90 -3.10 -15.46 0.00
C VAL A 90 -3.20 -15.29 -1.50
N GLN A 91 -3.15 -14.05 -1.99
CA GLN A 91 -3.31 -13.77 -3.42
C GLN A 91 -1.96 -13.61 -4.08
N THR A 92 -1.89 -14.02 -5.34
CA THR A 92 -0.65 -13.90 -6.10
C THR A 92 -0.35 -12.43 -6.41
N LEU A 93 0.89 -12.17 -6.82
CA LEU A 93 1.24 -10.82 -7.25
C LEU A 93 0.30 -10.34 -8.36
N GLU A 94 0.01 -11.21 -9.32
CA GLU A 94 -0.88 -10.84 -10.42
C GLU A 94 -2.25 -10.42 -9.90
N GLU A 95 -2.85 -11.22 -9.00
CA GLU A 95 -4.15 -10.88 -8.45
C GLU A 95 -4.12 -9.60 -7.64
N ARG A 96 -3.12 -9.42 -6.80
CA ARG A 96 -3.08 -8.23 -5.95
C ARG A 96 -2.88 -6.97 -6.79
N THR A 97 -2.07 -7.07 -7.85
CA THR A 97 -1.83 -5.93 -8.72
C THR A 97 -3.07 -5.63 -9.57
N GLU A 98 -3.67 -6.66 -10.16
CA GLU A 98 -4.85 -6.44 -10.99
C GLU A 98 -5.98 -5.81 -10.19
N THR A 99 -6.09 -6.12 -8.89
CA THR A 99 -7.14 -5.50 -8.09
C THR A 99 -6.85 -4.01 -7.86
N LEU A 100 -5.60 -3.67 -7.57
CA LEU A 100 -5.23 -2.27 -7.35
C LEU A 100 -5.44 -1.42 -8.59
N LYS A 101 -5.31 -2.01 -9.77
CA LYS A 101 -5.51 -1.28 -11.01
C LYS A 101 -6.90 -0.65 -11.08
N HIS A 102 -7.87 -1.24 -10.40
CA HIS A 102 -9.25 -0.76 -10.43
C HIS A 102 -9.54 0.31 -9.40
N ILE A 103 -8.55 0.69 -8.59
CA ILE A 103 -8.78 1.63 -7.50
C ILE A 103 -8.54 3.05 -7.99
N ARG A 104 -9.50 3.92 -7.72
CA ARG A 104 -9.50 5.28 -8.26
C ARG A 104 -8.19 6.03 -8.00
N TRP A 105 -7.65 5.89 -6.79
CA TRP A 105 -6.53 6.73 -6.32
C TRP A 105 -5.20 6.30 -6.90
N VAL A 106 -5.13 5.12 -7.48
CA VAL A 106 -3.85 4.56 -7.91
C VAL A 106 -3.52 5.12 -9.29
N ASP A 107 -2.41 5.85 -9.40
CA ASP A 107 -2.01 6.38 -10.68
C ASP A 107 -1.01 5.49 -11.44
N GLU A 108 -0.09 4.87 -10.73
CA GLU A 108 0.93 4.01 -11.32
C GLU A 108 1.20 2.88 -10.35
N ILE A 109 1.61 1.72 -10.87
CA ILE A 109 1.95 0.59 -10.02
C ILE A 109 3.33 0.08 -10.40
N ILE A 110 4.15 -0.19 -9.38
CA ILE A 110 5.40 -0.91 -9.53
C ILE A 110 5.16 -2.30 -8.96
N SER A 111 5.15 -3.31 -9.83
CA SER A 111 4.79 -4.66 -9.46
C SER A 111 5.69 -5.66 -10.18
N PRO A 112 6.59 -6.35 -9.46
CA PRO A 112 6.77 -6.23 -8.01
C PRO A 112 7.65 -5.04 -7.65
N CYS A 113 7.55 -4.59 -6.41
CA CYS A 113 8.38 -3.51 -5.89
C CYS A 113 9.47 -4.08 -5.00
N PRO A 114 10.48 -3.29 -4.67
CA PRO A 114 11.48 -3.76 -3.72
C PRO A 114 10.89 -3.86 -2.33
N TRP A 115 11.36 -4.84 -1.57
CA TRP A 115 10.93 -4.96 -0.19
C TRP A 115 11.32 -3.74 0.64
N VAL A 116 12.52 -3.22 0.40
CA VAL A 116 13.08 -2.11 1.18
C VAL A 116 13.32 -0.93 0.26
N VAL A 117 12.74 0.22 0.60
CA VAL A 117 12.99 1.45 -0.15
C VAL A 117 14.43 1.89 0.04
N THR A 118 15.06 2.34 -1.05
CA THR A 118 16.40 2.90 -0.99
C THR A 118 16.40 4.33 -1.52
N PRO A 119 17.41 5.13 -1.15
CA PRO A 119 17.54 6.46 -1.76
C PRO A 119 17.65 6.40 -3.28
N GLU A 120 18.38 5.43 -3.81
CA GLU A 120 18.50 5.31 -5.26
C GLU A 120 17.13 5.08 -5.90
N PHE A 121 16.28 4.28 -5.25
CA PHE A 121 14.94 4.02 -5.76
C PHE A 121 14.13 5.31 -5.86
N LEU A 122 14.14 6.10 -4.79
CA LEU A 122 13.45 7.39 -4.83
C LEU A 122 13.97 8.26 -5.97
N GLU A 123 15.29 8.27 -6.17
CA GLU A 123 15.84 9.05 -7.27
C GLU A 123 15.35 8.51 -8.61
N LYS A 124 15.36 7.19 -8.77
CA LYS A 124 15.07 6.60 -10.07
C LYS A 124 13.64 6.89 -10.49
N TYR A 125 12.71 6.92 -9.55
CA TYR A 125 11.30 7.15 -9.86
C TYR A 125 10.85 8.57 -9.50
N LYS A 126 11.79 9.47 -9.19
CA LYS A 126 11.48 10.87 -8.92
C LYS A 126 10.41 11.01 -7.84
N ILE A 127 10.54 10.21 -6.79
CA ILE A 127 9.55 10.16 -5.72
C ILE A 127 9.82 11.28 -4.72
N ASP A 128 8.79 12.06 -4.41
CA ASP A 128 8.98 13.18 -3.49
C ASP A 128 8.70 12.79 -2.04
N TYR A 129 7.69 11.95 -1.82
CA TYR A 129 7.32 11.51 -0.47
C TYR A 129 7.00 10.02 -0.47
N VAL A 130 7.29 9.37 0.64
CA VAL A 130 6.86 7.99 0.88
C VAL A 130 5.74 8.04 1.91
N ALA A 131 4.59 7.47 1.56
CA ALA A 131 3.44 7.40 2.45
C ALA A 131 3.49 6.09 3.24
N HIS A 132 3.55 6.19 4.57
CA HIS A 132 3.68 5.01 5.41
C HIS A 132 2.63 5.04 6.53
N ASP A 133 2.34 3.86 7.07
CA ASP A 133 1.39 3.73 8.19
C ASP A 133 1.91 4.42 9.44
N ASP A 144 14.17 3.75 13.97
CA ASP A 144 13.41 3.23 12.84
C ASP A 144 14.28 3.04 11.61
N ILE A 145 14.07 1.93 10.90
CA ILE A 145 14.62 1.81 9.57
C ILE A 145 14.11 2.91 8.65
N TYR A 146 13.17 3.73 9.13
CA TYR A 146 12.57 4.82 8.37
C TYR A 146 13.08 6.19 8.79
N ALA A 147 14.08 6.23 9.67
CA ALA A 147 14.62 7.50 10.12
C ALA A 147 15.19 8.31 8.97
N TRP A 148 15.77 7.65 7.97
CA TRP A 148 16.40 8.41 6.88
C TRP A 148 15.35 9.16 6.08
N LEU A 149 14.17 8.57 5.89
CA LEU A 149 13.10 9.28 5.20
C LEU A 149 12.65 10.50 6.00
N LYS A 150 12.53 10.35 7.32
CA LYS A 150 12.10 11.48 8.13
C LYS A 150 13.13 12.60 8.11
N ARG A 151 14.43 12.26 8.20
CA ARG A 151 15.48 13.29 8.16
C ARG A 151 15.48 14.04 6.83
N ALA A 152 15.04 13.40 5.76
CA ALA A 152 15.02 14.02 4.44
C ALA A 152 13.73 14.78 4.17
N GLY A 153 12.77 14.73 5.09
CA GLY A 153 11.50 15.38 4.88
C GLY A 153 10.61 14.65 3.90
N LYS A 154 10.90 13.39 3.62
CA LYS A 154 10.16 12.61 2.63
C LYS A 154 9.16 11.65 3.26
N PHE A 155 9.04 11.62 4.58
CA PHE A 155 8.15 10.69 5.27
C PHE A 155 6.80 11.34 5.48
N LYS A 156 5.72 10.69 5.02
CA LYS A 156 4.36 11.14 5.29
C LYS A 156 3.60 9.99 5.92
N ALA A 157 3.06 10.22 7.11
CA ALA A 157 2.27 9.18 7.76
C ALA A 157 0.86 9.17 7.18
N THR A 158 0.34 7.97 6.98
CA THR A 158 -1.09 7.76 6.82
C THR A 158 -1.56 6.91 7.99
N GLN A 159 -2.72 7.25 8.53
CA GLN A 159 -3.25 6.52 9.67
C GLN A 159 -4.05 5.33 9.17
N ARG A 160 -3.81 4.16 9.75
CA ARG A 160 -4.61 3.01 9.41
C ARG A 160 -6.09 3.34 9.63
N THR A 161 -6.93 2.61 8.91
CA THR A 161 -8.33 2.96 8.79
C THR A 161 -9.14 1.69 8.94
N GLU A 162 -10.39 1.84 9.36
CA GLU A 162 -11.26 0.69 9.50
C GLU A 162 -11.80 0.27 8.14
N GLY A 163 -11.93 -1.04 7.94
CA GLY A 163 -12.61 -1.57 6.78
C GLY A 163 -13.39 -2.81 7.14
N VAL A 164 -14.22 -3.26 6.21
CA VAL A 164 -14.89 -4.55 6.36
C VAL A 164 -14.00 -5.58 5.66
N SER A 165 -13.22 -6.30 6.46
CA SER A 165 -12.29 -7.27 5.90
C SER A 165 -13.02 -8.57 5.58
N THR A 166 -12.34 -9.41 4.79
CA THR A 166 -12.80 -10.78 4.57
C THR A 166 -13.16 -11.45 5.89
N THR A 167 -12.31 -11.29 6.89
CA THR A 167 -12.57 -11.89 8.20
C THR A 167 -13.84 -11.32 8.81
N ASP A 168 -13.99 -9.99 8.76
CA ASP A 168 -15.21 -9.37 9.28
C ASP A 168 -16.45 -9.93 8.59
N LEU A 169 -16.38 -10.08 7.27
CA LEU A 169 -17.51 -10.62 6.50
C LEU A 169 -17.87 -12.03 6.95
N ILE A 170 -16.88 -12.91 7.05
CA ILE A 170 -17.16 -14.30 7.43
C ILE A 170 -17.79 -14.36 8.82
N VAL A 171 -17.26 -13.58 9.76
CA VAL A 171 -17.80 -13.56 11.12
C VAL A 171 -19.23 -13.05 11.10
N ARG A 172 -19.49 -12.00 10.34
CA ARG A 172 -20.84 -11.47 10.26
C ARG A 172 -21.80 -12.51 9.69
N ILE A 173 -21.38 -13.22 8.64
CA ILE A 173 -22.25 -14.22 8.02
C ILE A 173 -22.50 -15.37 9.00
N LEU A 174 -21.44 -15.90 9.61
CA LEU A 174 -21.56 -17.09 10.45
C LEU A 174 -22.38 -16.81 11.71
N LYS A 175 -22.43 -15.56 12.16
CA LYS A 175 -23.21 -15.20 13.33
C LYS A 175 -24.69 -15.55 13.18
N ASN A 176 -25.18 -15.66 11.94
CA ASN A 176 -26.55 -16.05 11.68
C ASN A 176 -26.78 -17.55 11.81
N TYR A 177 -25.72 -18.36 11.85
CA TYR A 177 -25.87 -19.80 11.88
C TYR A 177 -25.41 -20.44 13.18
N GLU A 178 -24.58 -19.77 13.97
CA GLU A 178 -24.23 -20.30 15.28
C GLU A 178 -23.77 -19.17 16.20
N ASP A 179 -23.97 -19.36 17.50
CA ASP A 179 -23.45 -18.42 18.49
C ASP A 179 -21.94 -18.59 18.65
#